data_1OEI
#
_entry.id   1OEI
#
_cell.length_a   1.000
_cell.length_b   1.000
_cell.length_c   1.000
_cell.angle_alpha   90.00
_cell.angle_beta   90.00
_cell.angle_gamma   90.00
#
_symmetry.space_group_name_H-M   'P 1'
#
_entity_poly.entity_id   1
_entity_poly.type   'polypeptide(L)'
_entity_poly.pdbx_seq_one_letter_code
;HGGGWGQPHGGGWGQPHGGGWGQP
;
_entity_poly.pdbx_strand_id   A
#
# COMPACT_ATOMS: atom_id res chain seq x y z
N HIS A 1 0.76 -3.21 -1.54
CA HIS A 1 1.02 -4.34 -0.64
C HIS A 1 1.57 -5.58 -1.36
N GLY A 2 2.63 -5.36 -2.11
CA GLY A 2 3.44 -6.37 -2.78
C GLY A 2 4.22 -7.33 -1.90
N GLY A 3 3.68 -7.80 -0.78
CA GLY A 3 4.23 -8.91 0.00
C GLY A 3 4.50 -8.59 1.47
N GLY A 4 4.65 -7.30 1.82
CA GLY A 4 4.65 -6.88 3.22
C GLY A 4 5.74 -5.87 3.60
N TRP A 5 6.47 -5.34 2.62
CA TRP A 5 7.76 -4.68 2.90
C TRP A 5 7.79 -3.25 2.35
N GLY A 6 8.43 -3.02 1.20
CA GLY A 6 8.54 -1.69 0.59
C GLY A 6 7.52 -1.42 -0.53
N GLN A 7 6.72 -2.41 -0.92
CA GLN A 7 5.61 -2.25 -1.85
C GLN A 7 4.36 -1.72 -1.15
N PRO A 8 3.95 -2.22 0.04
CA PRO A 8 2.94 -1.54 0.84
C PRO A 8 3.47 -0.17 1.26
N HIS A 9 2.55 0.78 1.44
CA HIS A 9 2.79 2.16 1.85
C HIS A 9 4.05 2.82 1.26
N GLY A 10 4.28 2.58 -0.03
CA GLY A 10 5.36 3.13 -0.84
C GLY A 10 5.31 4.63 -1.12
N GLY A 11 4.97 5.46 -0.14
CA GLY A 11 5.17 6.91 -0.18
C GLY A 11 3.88 7.69 0.06
N GLY A 12 2.70 7.10 -0.15
CA GLY A 12 1.44 7.69 0.33
C GLY A 12 0.25 7.51 -0.60
N TRP A 13 0.41 6.83 -1.73
CA TRP A 13 -0.49 6.95 -2.89
C TRP A 13 -1.00 5.56 -3.34
N GLY A 14 -0.60 5.09 -4.52
CA GLY A 14 -1.04 3.81 -5.09
C GLY A 14 -0.28 2.59 -4.56
N GLN A 15 0.64 2.79 -3.62
CA GLN A 15 1.44 1.77 -2.97
C GLN A 15 0.87 1.42 -1.58
N PRO A 16 0.38 2.39 -0.78
CA PRO A 16 -0.63 2.10 0.24
C PRO A 16 -1.93 1.70 -0.48
N HIS A 17 -2.86 2.63 -0.71
CA HIS A 17 -4.18 2.45 -1.29
C HIS A 17 -4.29 1.34 -2.32
N GLY A 18 -5.03 0.31 -1.91
CA GLY A 18 -5.25 -0.93 -2.63
C GLY A 18 -6.70 -1.36 -2.63
N GLY A 19 -7.66 -0.43 -2.69
CA GLY A 19 -9.09 -0.77 -2.74
C GLY A 19 -9.93 0.13 -1.83
N GLY A 20 -9.51 0.30 -0.57
CA GLY A 20 -10.18 1.21 0.37
C GLY A 20 -10.09 0.79 1.84
N TRP A 21 -9.23 -0.18 2.17
CA TRP A 21 -9.29 -0.91 3.44
C TRP A 21 -8.08 -0.58 4.33
N GLY A 22 -7.18 -1.52 4.61
CA GLY A 22 -6.00 -1.30 5.45
C GLY A 22 -4.74 -0.97 4.65
N GLN A 23 -4.77 -1.20 3.33
CA GLN A 23 -3.77 -0.75 2.39
C GLN A 23 -3.60 0.78 2.39
N PRO A 24 -4.65 1.60 2.18
CA PRO A 24 -4.55 3.05 2.26
C PRO A 24 -4.19 3.51 3.67
N HIS A 1 2.48 -3.80 -3.76
CA HIS A 1 2.75 -5.22 -3.81
C HIS A 1 3.16 -5.74 -2.44
N GLY A 2 3.55 -7.01 -2.41
CA GLY A 2 4.23 -7.64 -1.30
C GLY A 2 3.30 -7.96 -0.13
N GLY A 3 2.14 -7.30 0.00
CA GLY A 3 1.10 -7.68 0.95
C GLY A 3 0.40 -6.52 1.65
N GLY A 4 1.03 -5.34 1.77
CA GLY A 4 0.38 -4.19 2.42
C GLY A 4 1.25 -3.38 3.38
N TRP A 5 2.58 -3.47 3.31
CA TRP A 5 3.46 -3.05 4.41
C TRP A 5 4.51 -2.05 3.94
N GLY A 6 5.81 -2.38 4.02
CA GLY A 6 6.89 -1.52 3.55
C GLY A 6 7.22 -1.69 2.07
N GLN A 7 6.80 -2.83 1.51
CA GLN A 7 6.85 -3.17 0.09
C GLN A 7 6.00 -2.20 -0.77
N PRO A 8 4.69 -2.04 -0.51
CA PRO A 8 3.86 -1.01 -1.13
C PRO A 8 4.18 0.36 -0.47
N HIS A 9 3.24 1.31 -0.47
CA HIS A 9 3.47 2.68 -0.01
C HIS A 9 4.30 3.47 -1.02
N GLY A 10 5.53 3.05 -1.30
CA GLY A 10 6.31 3.50 -2.44
C GLY A 10 6.91 4.90 -2.30
N GLY A 11 6.29 5.78 -1.49
CA GLY A 11 6.68 7.17 -1.33
C GLY A 11 5.61 7.95 -0.56
N GLY A 12 4.31 7.71 -0.85
CA GLY A 12 3.23 8.36 -0.09
C GLY A 12 2.08 8.88 -0.96
N TRP A 13 1.59 8.05 -1.88
CA TRP A 13 0.73 8.46 -2.97
C TRP A 13 -0.38 7.43 -3.22
N GLY A 14 -0.45 6.79 -4.40
CA GLY A 14 -1.46 5.77 -4.76
C GLY A 14 -0.90 4.35 -4.82
N GLN A 15 0.37 4.19 -4.45
CA GLN A 15 1.07 2.94 -4.26
C GLN A 15 0.89 2.35 -2.84
N PRO A 16 0.53 3.09 -1.77
CA PRO A 16 -0.27 2.54 -0.68
C PRO A 16 -1.74 2.51 -1.12
N HIS A 17 -2.65 2.08 -0.23
CA HIS A 17 -4.07 1.93 -0.55
C HIS A 17 -4.30 0.83 -1.61
N GLY A 18 -5.55 0.58 -1.98
CA GLY A 18 -5.94 -0.69 -2.59
C GLY A 18 -7.34 -1.18 -2.28
N GLY A 19 -8.24 -0.37 -1.71
CA GLY A 19 -9.63 -0.75 -1.47
C GLY A 19 -10.12 -0.20 -0.14
N GLY A 20 -9.57 -0.70 0.97
CA GLY A 20 -10.00 -0.24 2.29
C GLY A 20 -9.61 -1.17 3.44
N TRP A 21 -8.57 -2.00 3.23
CA TRP A 21 -8.24 -3.15 4.08
C TRP A 21 -6.75 -3.10 4.42
N GLY A 22 -5.99 -4.18 4.25
CA GLY A 22 -4.59 -4.22 4.67
C GLY A 22 -3.62 -3.51 3.72
N GLN A 23 -4.05 -3.19 2.50
CA GLN A 23 -3.30 -2.44 1.52
C GLN A 23 -3.00 -0.99 1.95
N PRO A 24 -3.99 -0.20 2.37
CA PRO A 24 -3.76 1.07 3.05
C PRO A 24 -3.25 0.84 4.47
N HIS A 1 3.22 -2.49 -4.11
CA HIS A 1 2.48 -3.60 -3.51
C HIS A 1 3.21 -4.95 -3.64
N GLY A 2 2.68 -5.99 -2.99
CA GLY A 2 3.39 -7.25 -2.79
C GLY A 2 2.83 -8.09 -1.65
N GLY A 3 2.26 -7.46 -0.63
CA GLY A 3 1.50 -8.19 0.39
C GLY A 3 1.05 -7.35 1.56
N GLY A 4 1.80 -6.30 1.93
CA GLY A 4 1.39 -5.44 3.06
C GLY A 4 2.53 -4.89 3.90
N TRP A 5 3.72 -4.80 3.32
CA TRP A 5 4.96 -4.43 3.99
C TRP A 5 5.58 -3.26 3.23
N GLY A 6 6.87 -3.29 2.96
CA GLY A 6 7.59 -2.14 2.41
C GLY A 6 7.37 -1.85 0.93
N GLN A 7 6.69 -2.75 0.21
CA GLN A 7 6.38 -2.64 -1.18
C GLN A 7 5.16 -1.76 -1.44
N PRO A 8 4.00 -1.97 -0.78
CA PRO A 8 2.95 -0.96 -0.77
C PRO A 8 3.40 0.26 0.04
N HIS A 9 2.52 1.26 0.16
CA HIS A 9 2.81 2.58 0.70
C HIS A 9 3.95 3.33 0.00
N GLY A 10 5.22 3.08 0.30
CA GLY A 10 6.36 3.75 -0.32
C GLY A 10 6.52 5.21 0.11
N GLY A 11 5.52 6.04 -0.23
CA GLY A 11 5.56 7.49 -0.10
C GLY A 11 4.18 8.14 -0.12
N GLY A 12 3.07 7.40 -0.31
CA GLY A 12 1.73 7.94 -0.02
C GLY A 12 0.82 8.07 -1.23
N TRP A 13 1.11 7.33 -2.30
CA TRP A 13 0.60 7.56 -3.65
C TRP A 13 -0.28 6.38 -4.09
N GLY A 14 0.04 5.67 -5.17
CA GLY A 14 -0.79 4.57 -5.68
C GLY A 14 -0.45 3.19 -5.10
N GLN A 15 0.67 3.08 -4.37
CA GLN A 15 1.11 1.91 -3.65
C GLN A 15 0.31 1.63 -2.36
N PRO A 16 -0.06 2.64 -1.53
CA PRO A 16 -1.00 2.45 -0.43
C PRO A 16 -2.43 2.29 -0.97
N HIS A 17 -3.41 2.29 -0.08
CA HIS A 17 -4.81 1.99 -0.33
C HIS A 17 -5.08 0.59 -0.88
N GLY A 18 -4.70 0.29 -2.12
CA GLY A 18 -4.74 -1.03 -2.72
C GLY A 18 -6.13 -1.63 -2.97
N GLY A 19 -7.18 -1.19 -2.27
CA GLY A 19 -8.49 -1.85 -2.29
C GLY A 19 -9.34 -1.59 -1.04
N GLY A 20 -8.77 -1.06 0.06
CA GLY A 20 -9.58 -0.54 1.17
C GLY A 20 -9.41 -1.31 2.48
N TRP A 21 -8.17 -1.67 2.81
CA TRP A 21 -7.82 -2.61 3.89
C TRP A 21 -6.75 -1.98 4.80
N GLY A 22 -5.55 -2.55 4.90
CA GLY A 22 -4.45 -2.04 5.74
C GLY A 22 -3.39 -1.25 4.98
N GLN A 23 -3.44 -1.27 3.64
CA GLN A 23 -2.61 -0.45 2.78
C GLN A 23 -2.96 1.06 2.88
N PRO A 24 -4.21 1.52 3.12
CA PRO A 24 -4.52 2.94 3.32
C PRO A 24 -4.18 3.36 4.76
N HIS A 1 1.66 -5.81 1.61
CA HIS A 1 1.64 -6.81 0.56
C HIS A 1 2.97 -6.84 -0.18
N GLY A 2 3.00 -7.57 -1.28
CA GLY A 2 4.08 -7.58 -2.26
C GLY A 2 5.33 -8.33 -1.81
N GLY A 3 5.67 -8.26 -0.51
CA GLY A 3 6.83 -8.96 0.03
C GLY A 3 7.58 -8.25 1.15
N GLY A 4 7.37 -6.95 1.38
CA GLY A 4 7.98 -6.24 2.50
C GLY A 4 8.79 -4.98 2.13
N TRP A 5 8.52 -4.34 1.00
CA TRP A 5 9.41 -3.35 0.40
C TRP A 5 8.65 -2.08 0.00
N GLY A 6 8.69 -1.64 -1.26
CA GLY A 6 8.01 -0.42 -1.71
C GLY A 6 6.48 -0.58 -1.79
N GLN A 7 6.00 -1.76 -2.18
CA GLN A 7 4.61 -2.23 -2.13
C GLN A 7 3.92 -1.85 -0.82
N PRO A 8 4.32 -2.41 0.33
CA PRO A 8 3.59 -2.26 1.56
C PRO A 8 3.71 -0.83 2.09
N HIS A 9 2.77 0.02 1.69
CA HIS A 9 2.68 1.45 2.00
C HIS A 9 3.73 2.26 1.25
N GLY A 10 5.02 2.01 1.47
CA GLY A 10 6.12 2.63 0.74
C GLY A 10 6.41 4.08 1.13
N GLY A 11 5.37 4.88 1.34
CA GLY A 11 5.48 6.33 1.51
C GLY A 11 4.15 7.07 1.41
N GLY A 12 3.04 6.42 1.03
CA GLY A 12 1.70 7.00 1.26
C GLY A 12 0.99 7.42 -0.02
N TRP A 13 1.08 6.57 -1.04
CA TRP A 13 0.90 6.95 -2.43
C TRP A 13 0.08 5.88 -3.16
N GLY A 14 0.51 5.42 -4.34
CA GLY A 14 -0.20 4.43 -5.15
C GLY A 14 0.27 2.99 -4.92
N GLN A 15 1.25 2.78 -4.04
CA GLN A 15 1.74 1.47 -3.64
C GLN A 15 0.72 0.75 -2.74
N PRO A 16 0.12 1.40 -1.72
CA PRO A 16 -0.94 0.82 -0.90
C PRO A 16 -2.28 0.85 -1.68
N HIS A 17 -3.35 1.42 -1.10
CA HIS A 17 -4.70 1.31 -1.62
C HIS A 17 -5.14 -0.17 -1.76
N GLY A 18 -6.37 -0.42 -2.24
CA GLY A 18 -7.02 -1.71 -2.06
C GLY A 18 -8.54 -1.68 -2.06
N GLY A 19 -9.19 -0.57 -2.42
CA GLY A 19 -10.64 -0.46 -2.54
C GLY A 19 -11.12 0.91 -2.10
N GLY A 20 -10.79 1.31 -0.87
CA GLY A 20 -11.11 2.66 -0.39
C GLY A 20 -11.24 2.78 1.13
N TRP A 21 -10.69 1.84 1.89
CA TRP A 21 -11.09 1.56 3.28
C TRP A 21 -9.87 1.53 4.21
N GLY A 22 -9.44 0.37 4.71
CA GLY A 22 -8.32 0.27 5.64
C GLY A 22 -6.96 0.14 4.96
N GLN A 23 -6.94 -0.32 3.70
CA GLN A 23 -5.75 -0.52 2.89
C GLN A 23 -5.04 0.77 2.48
N PRO A 24 -5.76 1.83 2.05
CA PRO A 24 -5.19 3.15 1.83
C PRO A 24 -4.92 3.80 3.19
N HIS A 1 0.94 -3.00 -3.03
CA HIS A 1 1.16 -4.17 -2.17
C HIS A 1 2.11 -5.17 -2.85
N GLY A 2 2.30 -6.37 -2.27
CA GLY A 2 3.33 -7.30 -2.71
C GLY A 2 3.80 -8.28 -1.64
N GLY A 3 3.41 -8.13 -0.37
CA GLY A 3 3.80 -9.05 0.70
C GLY A 3 3.74 -8.44 2.10
N GLY A 4 3.81 -7.11 2.20
CA GLY A 4 3.55 -6.39 3.47
C GLY A 4 4.71 -5.51 3.92
N TRP A 5 5.57 -5.13 2.97
CA TRP A 5 6.91 -4.60 3.20
C TRP A 5 7.01 -3.17 2.65
N GLY A 6 8.03 -2.83 1.86
CA GLY A 6 8.22 -1.47 1.34
C GLY A 6 7.49 -1.19 0.02
N GLN A 7 6.93 -2.22 -0.61
CA GLN A 7 6.08 -2.11 -1.80
C GLN A 7 4.81 -1.33 -1.42
N PRO A 8 3.97 -1.81 -0.46
CA PRO A 8 2.80 -1.06 -0.03
C PRO A 8 3.23 0.22 0.70
N HIS A 9 2.31 1.18 0.83
CA HIS A 9 2.61 2.55 1.23
C HIS A 9 3.59 3.24 0.28
N GLY A 10 4.85 2.83 0.25
CA GLY A 10 5.75 3.07 -0.88
C GLY A 10 5.98 4.54 -1.25
N GLY A 11 5.64 5.51 -0.39
CA GLY A 11 5.82 6.94 -0.63
C GLY A 11 4.54 7.78 -0.50
N GLY A 12 3.34 7.17 -0.49
CA GLY A 12 2.12 7.86 -0.04
C GLY A 12 0.99 7.93 -1.07
N TRP A 13 1.11 7.22 -2.19
CA TRP A 13 0.36 7.50 -3.42
C TRP A 13 -0.54 6.34 -3.83
N GLY A 14 -0.13 5.49 -4.78
CA GLY A 14 -0.89 4.36 -5.28
C GLY A 14 -0.43 3.00 -4.74
N GLN A 15 0.60 2.99 -3.90
CA GLN A 15 1.13 1.86 -3.16
C GLN A 15 0.41 1.67 -1.82
N PRO A 16 0.04 2.72 -1.07
CA PRO A 16 -0.96 2.63 -0.02
C PRO A 16 -2.35 2.53 -0.68
N HIS A 17 -3.43 2.63 0.12
CA HIS A 17 -4.83 2.59 -0.31
C HIS A 17 -5.23 1.21 -0.83
N GLY A 18 -4.77 0.84 -2.01
CA GLY A 18 -4.74 -0.54 -2.46
C GLY A 18 -6.09 -1.25 -2.53
N GLY A 19 -7.22 -0.54 -2.53
CA GLY A 19 -8.57 -1.11 -2.62
C GLY A 19 -9.53 -0.64 -1.53
N GLY A 20 -9.04 -0.05 -0.43
CA GLY A 20 -9.88 0.71 0.50
C GLY A 20 -9.92 0.15 1.92
N TRP A 21 -9.02 -0.78 2.26
CA TRP A 21 -9.19 -1.70 3.40
C TRP A 21 -8.07 -1.52 4.43
N GLY A 22 -7.11 -2.45 4.51
CA GLY A 22 -5.98 -2.40 5.43
C GLY A 22 -4.67 -1.96 4.77
N GLN A 23 -4.73 -1.59 3.49
CA GLN A 23 -3.66 -0.95 2.72
C GLN A 23 -3.60 0.60 2.86
N PRO A 24 -4.71 1.34 3.00
CA PRO A 24 -4.76 2.73 3.40
C PRO A 24 -4.46 2.83 4.90
N HIS A 1 1.88 -4.63 2.87
CA HIS A 1 0.84 -4.96 1.90
C HIS A 1 0.86 -6.44 1.50
N GLY A 2 2.05 -6.94 1.21
CA GLY A 2 2.28 -8.28 0.68
C GLY A 2 3.21 -9.07 1.58
N GLY A 3 3.76 -8.42 2.60
CA GLY A 3 4.79 -8.99 3.44
C GLY A 3 5.72 -7.96 4.07
N GLY A 4 5.68 -6.69 3.64
CA GLY A 4 6.39 -5.62 4.36
C GLY A 4 7.54 -4.99 3.59
N TRP A 5 7.45 -4.91 2.26
CA TRP A 5 8.61 -4.60 1.42
C TRP A 5 8.39 -3.29 0.66
N GLY A 6 8.45 -3.29 -0.67
CA GLY A 6 8.19 -2.07 -1.46
C GLY A 6 6.69 -1.82 -1.70
N GLN A 7 5.88 -2.87 -1.50
CA GLN A 7 4.43 -2.84 -1.62
C GLN A 7 3.76 -1.89 -0.61
N PRO A 8 3.98 -2.07 0.71
CA PRO A 8 3.49 -1.10 1.67
C PRO A 8 4.20 0.23 1.46
N HIS A 9 3.45 1.34 1.50
CA HIS A 9 3.93 2.68 1.26
C HIS A 9 4.77 2.80 -0.01
N GLY A 10 4.07 2.50 -1.08
CA GLY A 10 4.51 2.64 -2.45
C GLY A 10 4.67 4.07 -2.96
N GLY A 11 5.14 5.02 -2.15
CA GLY A 11 5.60 6.34 -2.59
C GLY A 11 4.88 7.52 -1.94
N GLY A 12 3.66 7.34 -1.42
CA GLY A 12 3.03 8.33 -0.53
C GLY A 12 1.54 8.55 -0.75
N TRP A 13 0.88 7.73 -1.58
CA TRP A 13 -0.39 8.12 -2.20
C TRP A 13 -1.41 6.98 -2.07
N GLY A 14 -1.79 6.31 -3.18
CA GLY A 14 -2.81 5.28 -3.13
C GLY A 14 -2.28 3.96 -2.57
N GLN A 15 -0.97 3.70 -2.71
CA GLN A 15 -0.36 2.45 -2.27
C GLN A 15 -0.46 2.31 -0.75
N PRO A 16 -0.04 3.31 0.05
CA PRO A 16 -0.30 3.33 1.48
C PRO A 16 -1.80 3.57 1.77
N HIS A 17 -2.63 2.52 1.63
CA HIS A 17 -4.02 2.52 2.08
C HIS A 17 -4.89 3.53 1.34
N GLY A 18 -5.05 3.20 0.08
CA GLY A 18 -5.93 3.84 -0.88
C GLY A 18 -7.42 3.62 -0.66
N GLY A 19 -7.91 3.39 0.57
CA GLY A 19 -9.34 3.43 0.89
C GLY A 19 -9.93 2.15 1.51
N GLY A 20 -9.19 1.04 1.57
CA GLY A 20 -9.52 -0.08 2.45
C GLY A 20 -9.42 -1.46 1.80
N TRP A 21 -8.90 -1.55 0.58
CA TRP A 21 -9.17 -2.68 -0.31
C TRP A 21 -7.87 -3.18 -0.94
N GLY A 22 -7.88 -3.51 -2.24
CA GLY A 22 -6.74 -4.10 -2.94
C GLY A 22 -5.52 -3.19 -3.05
N GLN A 23 -5.63 -1.92 -2.64
CA GLN A 23 -4.53 -0.98 -2.55
C GLN A 23 -3.63 -1.41 -1.38
N PRO A 24 -4.08 -1.33 -0.12
CA PRO A 24 -3.32 -1.77 1.03
C PRO A 24 -3.14 -3.30 1.06
N HIS A 1 3.30 -3.72 -4.56
CA HIS A 1 3.73 -5.03 -4.99
C HIS A 1 4.08 -5.89 -3.78
N GLY A 2 4.68 -7.03 -4.06
CA GLY A 2 5.49 -7.81 -3.14
C GLY A 2 4.73 -8.45 -1.98
N GLY A 3 3.41 -8.30 -1.92
CA GLY A 3 2.55 -9.03 -0.98
C GLY A 3 1.56 -8.15 -0.20
N GLY A 4 1.77 -6.83 -0.15
CA GLY A 4 0.75 -5.90 0.36
C GLY A 4 1.18 -5.10 1.59
N TRP A 5 2.47 -5.13 1.96
CA TRP A 5 2.95 -4.79 3.30
C TRP A 5 3.95 -3.62 3.27
N GLY A 6 5.24 -3.87 3.51
CA GLY A 6 6.33 -2.86 3.44
C GLY A 6 7.22 -2.97 2.19
N GLN A 7 6.84 -3.84 1.25
CA GLN A 7 7.18 -3.83 -0.16
C GLN A 7 6.47 -2.66 -0.84
N PRO A 8 5.12 -2.63 -0.84
CA PRO A 8 4.38 -1.47 -1.26
C PRO A 8 4.49 -0.36 -0.19
N HIS A 9 3.72 0.72 -0.36
CA HIS A 9 3.91 2.06 0.17
C HIS A 9 4.78 2.89 -0.78
N GLY A 10 4.98 4.17 -0.48
CA GLY A 10 5.37 5.15 -1.48
C GLY A 10 5.07 6.61 -1.13
N GLY A 11 4.45 6.91 0.02
CA GLY A 11 4.17 8.29 0.44
C GLY A 11 2.87 8.39 1.22
N GLY A 12 1.74 7.95 0.62
CA GLY A 12 0.45 8.00 1.31
C GLY A 12 -0.73 8.15 0.33
N TRP A 13 -0.79 7.29 -0.68
CA TRP A 13 -1.70 7.45 -1.81
C TRP A 13 -2.10 6.08 -2.36
N GLY A 14 -1.72 5.73 -3.60
CA GLY A 14 -2.13 4.49 -4.27
C GLY A 14 -1.05 3.39 -4.22
N GLN A 15 0.19 3.80 -4.02
CA GLN A 15 1.40 2.99 -3.85
C GLN A 15 1.32 2.03 -2.65
N PRO A 16 0.67 2.38 -1.51
CA PRO A 16 0.45 1.48 -0.40
C PRO A 16 -0.73 0.52 -0.67
N HIS A 17 -1.96 1.04 -0.65
CA HIS A 17 -3.22 0.37 -0.95
C HIS A 17 -3.50 -0.97 -0.25
N GLY A 18 -2.84 -2.07 -0.63
CA GLY A 18 -3.19 -3.40 -0.18
C GLY A 18 -4.50 -3.86 -0.80
N GLY A 19 -5.61 -3.39 -0.23
CA GLY A 19 -6.95 -3.87 -0.48
C GLY A 19 -8.06 -2.83 -0.25
N GLY A 20 -7.73 -1.57 0.07
CA GLY A 20 -8.72 -0.49 -0.13
C GLY A 20 -9.25 0.08 1.18
N TRP A 21 -8.42 0.02 2.21
CA TRP A 21 -8.81 0.15 3.61
C TRP A 21 -8.02 1.31 4.22
N GLY A 22 -7.26 1.08 5.30
CA GLY A 22 -6.52 2.14 5.99
C GLY A 22 -5.09 2.36 5.49
N GLN A 23 -4.60 1.52 4.57
CA GLN A 23 -3.32 1.66 3.91
C GLN A 23 -3.30 2.70 2.78
N PRO A 24 -4.30 2.77 1.87
CA PRO A 24 -4.33 3.82 0.86
C PRO A 24 -4.59 5.17 1.54
N HIS A 1 3.78 -3.61 -4.52
CA HIS A 1 4.40 -4.80 -5.05
C HIS A 1 4.95 -5.65 -3.92
N GLY A 2 5.74 -6.64 -4.30
CA GLY A 2 6.69 -7.34 -3.44
C GLY A 2 6.04 -8.24 -2.40
N GLY A 3 4.71 -8.25 -2.28
CA GLY A 3 3.95 -9.24 -1.51
C GLY A 3 2.82 -8.65 -0.67
N GLY A 4 2.93 -7.40 -0.20
CA GLY A 4 1.85 -6.76 0.56
C GLY A 4 2.27 -6.16 1.91
N TRP A 5 3.53 -5.74 2.08
CA TRP A 5 4.09 -5.43 3.39
C TRP A 5 4.85 -4.09 3.37
N GLY A 6 6.19 -4.09 3.47
CA GLY A 6 7.01 -2.87 3.46
C GLY A 6 7.64 -2.54 2.10
N GLN A 7 7.57 -3.49 1.15
CA GLN A 7 7.80 -3.31 -0.27
C GLN A 7 6.77 -2.36 -0.91
N PRO A 8 5.45 -2.59 -0.76
CA PRO A 8 4.44 -1.59 -1.08
C PRO A 8 4.43 -0.52 0.04
N HIS A 9 3.47 0.40 0.02
CA HIS A 9 3.61 1.74 0.58
C HIS A 9 4.65 2.55 -0.21
N GLY A 10 4.81 3.84 0.11
CA GLY A 10 5.20 4.81 -0.89
C GLY A 10 4.68 6.23 -0.69
N GLY A 11 4.08 6.58 0.45
CA GLY A 11 3.61 7.94 0.73
C GLY A 11 2.26 7.90 1.44
N GLY A 12 1.22 7.46 0.74
CA GLY A 12 -0.13 7.41 1.32
C GLY A 12 -1.22 7.46 0.26
N TRP A 13 -1.09 6.70 -0.82
CA TRP A 13 -1.97 6.80 -1.98
C TRP A 13 -2.11 5.44 -2.69
N GLY A 14 -1.73 5.33 -3.97
CA GLY A 14 -1.87 4.09 -4.72
C GLY A 14 -0.88 3.02 -4.23
N GLN A 15 0.33 3.43 -3.87
CA GLN A 15 1.45 2.56 -3.50
C GLN A 15 1.12 1.65 -2.30
N PRO A 16 0.47 2.12 -1.23
CA PRO A 16 0.13 1.27 -0.08
C PRO A 16 -1.15 0.42 -0.21
N HIS A 17 -2.07 0.78 -1.11
CA HIS A 17 -3.30 0.08 -1.47
C HIS A 17 -3.38 -1.39 -1.05
N GLY A 18 -4.36 -1.67 -0.20
CA GLY A 18 -4.60 -2.95 0.43
C GLY A 18 -6.07 -3.29 0.60
N GLY A 19 -6.97 -2.81 -0.25
CA GLY A 19 -8.40 -3.09 -0.16
C GLY A 19 -9.20 -1.85 -0.53
N GLY A 20 -9.19 -0.83 0.33
CA GLY A 20 -9.90 0.42 0.05
C GLY A 20 -9.91 1.41 1.21
N TRP A 21 -9.02 1.24 2.20
CA TRP A 21 -9.20 1.81 3.53
C TRP A 21 -7.95 2.59 3.94
N GLY A 22 -7.54 2.50 5.20
CA GLY A 22 -6.36 3.17 5.76
C GLY A 22 -5.03 2.61 5.26
N GLN A 23 -5.02 1.76 4.22
CA GLN A 23 -3.84 1.44 3.45
C GLN A 23 -3.69 2.53 2.38
N PRO A 24 -4.58 2.62 1.38
CA PRO A 24 -4.43 3.54 0.28
C PRO A 24 -4.51 5.00 0.72
N HIS A 1 1.45 -3.25 2.99
CA HIS A 1 0.97 -4.57 2.64
C HIS A 1 2.10 -5.43 2.07
N GLY A 2 1.75 -6.53 1.41
CA GLY A 2 2.56 -7.16 0.40
C GLY A 2 3.82 -7.83 0.91
N GLY A 3 4.11 -7.73 2.21
CA GLY A 3 5.10 -8.54 2.92
C GLY A 3 6.15 -7.77 3.71
N GLY A 4 6.40 -6.48 3.43
CA GLY A 4 7.25 -5.65 4.31
C GLY A 4 8.40 -4.90 3.63
N TRP A 5 8.34 -4.63 2.32
CA TRP A 5 9.49 -4.22 1.53
C TRP A 5 9.12 -3.08 0.57
N GLY A 6 9.12 -3.31 -0.75
CA GLY A 6 8.81 -2.26 -1.74
C GLY A 6 7.31 -2.03 -1.91
N GLN A 7 6.53 -3.10 -1.78
CA GLN A 7 5.07 -3.11 -1.72
C GLN A 7 4.52 -2.09 -0.73
N PRO A 8 4.81 -2.21 0.57
CA PRO A 8 4.21 -1.32 1.55
C PRO A 8 4.66 0.12 1.33
N HIS A 9 3.76 1.11 1.47
CA HIS A 9 4.05 2.53 1.28
C HIS A 9 4.25 2.89 -0.19
N GLY A 10 5.14 2.20 -0.90
CA GLY A 10 5.20 2.13 -2.35
C GLY A 10 5.68 3.41 -3.05
N GLY A 11 5.52 4.59 -2.43
CA GLY A 11 5.73 5.89 -3.02
C GLY A 11 4.89 7.00 -2.39
N GLY A 12 3.95 6.68 -1.47
CA GLY A 12 3.33 7.71 -0.63
C GLY A 12 2.01 8.23 -1.18
N TRP A 13 1.21 7.31 -1.73
CA TRP A 13 0.14 7.61 -2.65
C TRP A 13 -1.09 6.73 -2.35
N GLY A 14 -1.43 5.77 -3.22
CA GLY A 14 -2.66 4.98 -3.13
C GLY A 14 -2.41 3.51 -2.79
N GLN A 15 -1.15 3.13 -2.62
CA GLN A 15 -0.72 1.93 -1.95
C GLN A 15 -1.21 1.99 -0.49
N PRO A 16 -0.71 2.93 0.32
CA PRO A 16 -0.76 2.87 1.78
C PRO A 16 -2.16 3.24 2.31
N HIS A 17 -3.17 2.40 2.08
CA HIS A 17 -4.59 2.76 2.15
C HIS A 17 -4.99 3.65 0.98
N GLY A 18 -5.65 3.02 0.01
CA GLY A 18 -6.10 3.63 -1.22
C GLY A 18 -7.61 3.77 -1.32
N GLY A 19 -8.37 3.70 -0.23
CA GLY A 19 -9.82 3.96 -0.22
C GLY A 19 -10.68 2.96 0.56
N GLY A 20 -10.12 1.81 0.98
CA GLY A 20 -10.77 0.92 1.93
C GLY A 20 -10.93 -0.52 1.44
N TRP A 21 -10.08 -0.98 0.53
CA TRP A 21 -10.22 -2.20 -0.24
C TRP A 21 -8.84 -2.82 -0.38
N GLY A 22 -8.61 -3.64 -1.41
CA GLY A 22 -7.39 -4.44 -1.58
C GLY A 22 -6.11 -3.66 -1.97
N GLN A 23 -6.09 -2.34 -1.79
CA GLN A 23 -4.87 -1.53 -1.87
C GLN A 23 -4.07 -1.76 -0.59
N PRO A 24 -4.59 -1.36 0.58
CA PRO A 24 -4.14 -1.86 1.87
C PRO A 24 -4.45 -3.35 1.96
N HIS A 1 2.29 -4.07 -2.78
CA HIS A 1 2.17 -4.99 -1.66
C HIS A 1 2.70 -6.41 -1.95
N GLY A 2 2.98 -7.17 -0.88
CA GLY A 2 3.88 -8.30 -0.93
C GLY A 2 4.33 -8.80 0.44
N GLY A 3 3.63 -8.47 1.55
CA GLY A 3 4.01 -8.84 2.90
C GLY A 3 3.78 -7.68 3.85
N GLY A 4 4.60 -6.62 3.75
CA GLY A 4 4.42 -5.46 4.62
C GLY A 4 5.55 -4.44 4.60
N TRP A 5 6.42 -4.46 3.59
CA TRP A 5 7.79 -3.93 3.69
C TRP A 5 8.09 -2.95 2.55
N GLY A 6 8.87 -3.36 1.53
CA GLY A 6 9.27 -2.49 0.41
C GLY A 6 8.41 -2.67 -0.85
N GLN A 7 7.53 -3.67 -0.85
CA GLN A 7 6.55 -3.96 -1.88
C GLN A 7 5.35 -2.97 -1.78
N PRO A 8 4.74 -2.79 -0.61
CA PRO A 8 3.72 -1.77 -0.40
C PRO A 8 4.39 -0.38 -0.30
N HIS A 9 3.64 0.65 0.11
CA HIS A 9 4.10 2.03 0.11
C HIS A 9 4.66 2.51 -1.23
N GLY A 10 3.72 2.61 -2.14
CA GLY A 10 3.87 3.16 -3.47
C GLY A 10 3.94 4.68 -3.54
N GLY A 11 4.57 5.36 -2.59
CA GLY A 11 4.95 6.77 -2.70
C GLY A 11 4.34 7.70 -1.64
N GLY A 12 3.22 7.33 -1.01
CA GLY A 12 2.82 7.99 0.24
C GLY A 12 1.32 8.11 0.50
N TRP A 13 0.48 7.44 -0.29
CA TRP A 13 -0.93 7.85 -0.43
C TRP A 13 -1.85 6.62 -0.40
N GLY A 14 -2.51 6.28 -1.51
CA GLY A 14 -3.36 5.10 -1.58
C GLY A 14 -2.57 3.81 -1.39
N GLN A 15 -1.41 3.73 -2.06
CA GLN A 15 -0.62 2.52 -2.15
C GLN A 15 -0.24 1.97 -0.76
N PRO A 16 0.24 2.81 0.17
CA PRO A 16 0.35 2.42 1.58
C PRO A 16 -1.01 2.33 2.29
N HIS A 17 -1.96 1.54 1.78
CA HIS A 17 -3.17 1.15 2.49
C HIS A 17 -4.10 2.32 2.81
N GLY A 18 -4.66 2.80 1.72
CA GLY A 18 -5.73 3.77 1.65
C GLY A 18 -7.10 3.32 2.18
N GLY A 19 -7.20 2.39 3.14
CA GLY A 19 -8.45 2.15 3.89
C GLY A 19 -8.97 0.72 3.86
N GLY A 20 -8.59 -0.12 2.90
CA GLY A 20 -8.83 -1.57 2.98
C GLY A 20 -9.15 -2.27 1.66
N TRP A 21 -8.97 -1.61 0.52
CA TRP A 21 -9.63 -2.02 -0.74
C TRP A 21 -8.62 -2.09 -1.89
N GLY A 22 -8.76 -1.26 -2.93
CA GLY A 22 -7.88 -1.30 -4.11
C GLY A 22 -6.71 -0.31 -4.05
N GLN A 23 -6.70 0.55 -3.04
CA GLN A 23 -5.59 1.41 -2.66
C GLN A 23 -4.41 0.56 -2.18
N PRO A 24 -4.55 -0.27 -1.13
CA PRO A 24 -3.54 -1.29 -0.87
C PRO A 24 -3.54 -2.29 -2.04
N HIS A 1 2.86 -3.69 -3.49
CA HIS A 1 2.12 -4.44 -2.49
C HIS A 1 2.79 -5.76 -2.08
N GLY A 2 2.82 -6.78 -2.94
CA GLY A 2 3.49 -8.06 -2.75
C GLY A 2 3.00 -8.96 -1.61
N GLY A 3 2.25 -8.44 -0.63
CA GLY A 3 1.93 -9.16 0.60
C GLY A 3 1.63 -8.26 1.80
N GLY A 4 1.94 -6.95 1.74
CA GLY A 4 1.39 -5.99 2.71
C GLY A 4 2.43 -5.31 3.58
N TRP A 5 3.65 -5.17 3.06
CA TRP A 5 4.86 -4.93 3.84
C TRP A 5 5.49 -3.58 3.43
N GLY A 6 6.65 -3.57 2.77
CA GLY A 6 7.35 -2.35 2.32
C GLY A 6 7.34 -2.16 0.80
N GLN A 7 6.72 -3.11 0.07
CA GLN A 7 6.41 -3.00 -1.35
C GLN A 7 5.17 -2.12 -1.59
N PRO A 8 4.15 -2.06 -0.70
CA PRO A 8 3.21 -0.95 -0.69
C PRO A 8 3.78 0.19 0.16
N HIS A 9 3.10 1.33 0.15
CA HIS A 9 3.62 2.62 0.61
C HIS A 9 4.90 3.03 -0.15
N GLY A 10 5.36 4.27 0.03
CA GLY A 10 6.16 4.94 -0.97
C GLY A 10 5.94 6.44 -1.08
N GLY A 11 5.25 7.10 -0.14
CA GLY A 11 5.03 8.55 -0.16
C GLY A 11 3.61 8.85 0.28
N GLY A 12 2.63 8.68 -0.62
CA GLY A 12 1.24 9.05 -0.30
C GLY A 12 0.27 8.88 -1.47
N TRP A 13 0.64 8.08 -2.48
CA TRP A 13 -0.03 8.05 -3.77
C TRP A 13 -0.41 6.61 -4.11
N GLY A 14 -0.14 6.13 -5.33
CA GLY A 14 -0.54 4.80 -5.80
C GLY A 14 0.33 3.65 -5.29
N GLN A 15 1.32 3.94 -4.45
CA GLN A 15 2.17 3.01 -3.76
C GLN A 15 1.48 2.48 -2.50
N PRO A 16 0.98 3.34 -1.59
CA PRO A 16 -0.03 2.95 -0.60
C PRO A 16 -1.40 2.78 -1.29
N HIS A 17 -2.47 2.60 -0.51
CA HIS A 17 -3.78 2.14 -0.98
C HIS A 17 -3.71 0.67 -1.39
N GLY A 18 -4.73 0.14 -2.06
CA GLY A 18 -4.91 -1.28 -2.26
C GLY A 18 -6.33 -1.64 -2.68
N GLY A 19 -7.35 -1.08 -2.03
CA GLY A 19 -8.76 -1.39 -2.31
C GLY A 19 -9.70 -1.22 -1.12
N GLY A 20 -9.19 -0.89 0.07
CA GLY A 20 -10.02 -0.47 1.20
C GLY A 20 -10.06 -1.52 2.31
N TRP A 21 -8.90 -1.68 2.97
CA TRP A 21 -8.58 -2.56 4.06
C TRP A 21 -7.34 -1.98 4.75
N GLY A 22 -6.64 -2.81 5.51
CA GLY A 22 -5.40 -2.48 6.21
C GLY A 22 -4.18 -2.38 5.28
N GLN A 23 -4.25 -1.56 4.23
CA GLN A 23 -3.14 -1.16 3.40
C GLN A 23 -2.98 0.37 3.40
N PRO A 24 -4.01 1.14 3.01
CA PRO A 24 -4.04 2.58 3.16
C PRO A 24 -4.01 2.93 4.66
N HIS A 1 1.24 -3.82 4.41
CA HIS A 1 2.27 -4.83 4.34
C HIS A 1 1.95 -5.94 3.32
N GLY A 2 2.78 -6.99 3.30
CA GLY A 2 2.78 -7.99 2.25
C GLY A 2 4.11 -8.70 2.02
N GLY A 3 5.20 -8.38 2.72
CA GLY A 3 6.48 -9.04 2.51
C GLY A 3 7.65 -8.12 2.84
N GLY A 4 7.79 -7.01 2.10
CA GLY A 4 8.90 -6.08 2.29
C GLY A 4 9.22 -5.25 1.04
N TRP A 5 8.21 -4.93 0.23
CA TRP A 5 8.34 -4.38 -1.11
C TRP A 5 7.31 -3.26 -1.30
N GLY A 6 6.71 -3.12 -2.48
CA GLY A 6 5.84 -1.97 -2.79
C GLY A 6 4.49 -1.93 -2.08
N GLN A 7 4.11 -3.00 -1.36
CA GLN A 7 2.93 -3.07 -0.52
C GLN A 7 3.06 -2.07 0.66
N PRO A 8 3.96 -2.28 1.64
CA PRO A 8 4.14 -1.39 2.78
C PRO A 8 4.63 -0.02 2.31
N HIS A 9 3.77 1.03 2.30
CA HIS A 9 4.14 2.38 1.93
C HIS A 9 4.97 2.47 0.66
N GLY A 10 4.31 2.07 -0.40
CA GLY A 10 4.72 2.13 -1.80
C GLY A 10 4.95 3.52 -2.38
N GLY A 11 5.24 4.55 -1.60
CA GLY A 11 5.65 5.87 -2.09
C GLY A 11 4.81 7.04 -1.59
N GLY A 12 3.60 6.78 -1.05
CA GLY A 12 2.90 7.78 -0.24
C GLY A 12 1.44 8.02 -0.58
N TRP A 13 0.83 7.14 -1.38
CA TRP A 13 -0.42 7.42 -2.07
C TRP A 13 -1.44 6.33 -1.75
N GLY A 14 -1.67 5.39 -2.67
CA GLY A 14 -2.63 4.30 -2.46
C GLY A 14 -2.02 3.10 -1.75
N GLN A 15 -0.73 2.83 -1.95
CA GLN A 15 -0.07 1.66 -1.36
C GLN A 15 -0.12 1.71 0.17
N PRO A 16 0.14 2.85 0.83
CA PRO A 16 -0.10 3.02 2.25
C PRO A 16 -1.61 3.25 2.54
N HIS A 17 -2.53 2.52 1.90
CA HIS A 17 -3.97 2.51 2.13
C HIS A 17 -4.69 3.64 1.41
N GLY A 18 -6.01 3.72 1.60
CA GLY A 18 -6.87 4.42 0.65
C GLY A 18 -8.34 4.05 0.71
N GLY A 19 -8.80 3.16 1.60
CA GLY A 19 -10.22 2.84 1.75
C GLY A 19 -10.44 1.39 2.19
N GLY A 20 -9.97 0.43 1.39
CA GLY A 20 -10.05 -1.00 1.76
C GLY A 20 -9.96 -1.94 0.56
N TRP A 21 -9.29 -1.54 -0.52
CA TRP A 21 -9.47 -2.09 -1.86
C TRP A 21 -8.12 -2.27 -2.57
N GLY A 22 -7.95 -1.82 -3.81
CA GLY A 22 -6.76 -2.08 -4.63
C GLY A 22 -5.64 -1.07 -4.43
N GLN A 23 -5.91 0.03 -3.74
CA GLN A 23 -4.92 0.99 -3.24
C GLN A 23 -3.91 0.21 -2.38
N PRO A 24 -4.31 -0.36 -1.24
CA PRO A 24 -3.39 -1.03 -0.33
C PRO A 24 -2.84 -2.36 -0.86
N HIS A 1 2.74 -3.14 -3.84
CA HIS A 1 2.34 -4.30 -3.05
C HIS A 1 2.99 -5.63 -3.50
N GLY A 2 3.53 -6.33 -2.50
CA GLY A 2 4.29 -7.56 -2.68
C GLY A 2 4.16 -8.49 -1.48
N GLY A 3 3.03 -8.49 -0.79
CA GLY A 3 2.76 -9.36 0.37
C GLY A 3 2.28 -8.61 1.59
N GLY A 4 2.47 -7.29 1.66
CA GLY A 4 1.77 -6.44 2.63
C GLY A 4 2.66 -5.55 3.50
N TRP A 5 3.94 -5.42 3.16
CA TRP A 5 4.98 -4.93 4.08
C TRP A 5 5.62 -3.64 3.55
N GLY A 6 6.79 -3.72 2.92
CA GLY A 6 7.55 -2.56 2.42
C GLY A 6 7.50 -2.38 0.91
N GLN A 7 6.86 -3.29 0.17
CA GLN A 7 6.47 -3.14 -1.22
C GLN A 7 5.25 -2.23 -1.39
N PRO A 8 4.15 -2.42 -0.63
CA PRO A 8 3.06 -1.47 -0.58
C PRO A 8 3.48 -0.25 0.26
N HIS A 9 2.71 0.84 0.19
CA HIS A 9 3.11 2.14 0.67
C HIS A 9 4.41 2.63 -0.01
N GLY A 10 4.80 3.89 0.22
CA GLY A 10 5.69 4.59 -0.69
C GLY A 10 5.54 6.10 -0.71
N GLY A 11 4.85 6.72 0.24
CA GLY A 11 4.68 8.18 0.32
C GLY A 11 3.28 8.52 0.81
N GLY A 12 2.27 8.27 -0.02
CA GLY A 12 0.88 8.59 0.35
C GLY A 12 -0.12 8.52 -0.80
N TRP A 13 0.23 7.85 -1.90
CA TRP A 13 -0.40 8.03 -3.21
C TRP A 13 -0.86 6.68 -3.78
N GLY A 14 -0.34 6.23 -4.93
CA GLY A 14 -0.73 4.97 -5.56
C GLY A 14 0.15 3.77 -5.21
N GLN A 15 1.21 4.01 -4.43
CA GLN A 15 2.06 2.99 -3.83
C GLN A 15 1.36 2.34 -2.62
N PRO A 16 0.74 3.11 -1.70
CA PRO A 16 -0.33 2.59 -0.85
C PRO A 16 -1.62 2.46 -1.67
N HIS A 17 -2.78 2.30 -1.01
CA HIS A 17 -4.00 1.73 -1.57
C HIS A 17 -3.80 0.24 -1.88
N GLY A 18 -4.87 -0.44 -2.29
CA GLY A 18 -5.03 -1.89 -2.15
C GLY A 18 -6.43 -2.36 -1.78
N GLY A 19 -7.45 -1.52 -1.79
CA GLY A 19 -8.84 -1.92 -1.56
C GLY A 19 -9.56 -0.88 -0.73
N GLY A 20 -9.30 -0.84 0.59
CA GLY A 20 -10.05 0.04 1.48
C GLY A 20 -9.66 -0.08 2.95
N TRP A 21 -8.52 -0.71 3.26
CA TRP A 21 -8.21 -1.21 4.59
C TRP A 21 -6.79 -0.77 4.97
N GLY A 22 -5.99 -1.64 5.59
CA GLY A 22 -4.60 -1.39 5.95
C GLY A 22 -3.67 -1.45 4.74
N GLN A 23 -4.08 -0.85 3.61
CA GLN A 23 -3.36 -0.71 2.38
C GLN A 23 -3.37 0.76 1.94
N PRO A 24 -4.54 1.41 1.78
CA PRO A 24 -4.61 2.87 1.84
C PRO A 24 -4.32 3.34 3.28
N HIS A 1 2.60 -1.89 3.59
CA HIS A 1 4.00 -2.24 3.77
C HIS A 1 4.24 -3.72 4.11
N GLY A 2 3.68 -4.52 3.22
CA GLY A 2 3.78 -5.96 3.13
C GLY A 2 5.17 -6.56 2.93
N GLY A 3 6.25 -5.94 3.40
CA GLY A 3 7.57 -6.55 3.52
C GLY A 3 8.68 -5.75 2.86
N GLY A 4 8.37 -4.85 1.92
CA GLY A 4 9.35 -3.85 1.45
C GLY A 4 9.37 -3.61 -0.06
N TRP A 5 8.43 -4.17 -0.80
CA TRP A 5 8.58 -4.40 -2.24
C TRP A 5 7.32 -3.97 -2.98
N GLY A 6 6.62 -4.89 -3.66
CA GLY A 6 5.44 -4.57 -4.45
C GLY A 6 4.21 -4.21 -3.61
N GLN A 7 4.24 -4.44 -2.29
CA GLN A 7 3.13 -4.14 -1.40
C GLN A 7 3.16 -2.65 -1.05
N PRO A 8 4.22 -2.11 -0.44
CA PRO A 8 4.30 -0.69 -0.10
C PRO A 8 4.34 0.22 -1.35
N HIS A 9 3.19 0.59 -1.97
CA HIS A 9 3.24 1.55 -3.04
C HIS A 9 3.64 2.89 -2.44
N GLY A 10 4.58 3.51 -3.11
CA GLY A 10 4.91 4.92 -3.01
C GLY A 10 5.80 5.23 -1.81
N GLY A 11 5.71 4.40 -0.78
CA GLY A 11 6.42 4.62 0.48
C GLY A 11 5.85 3.80 1.63
N GLY A 12 4.64 3.23 1.48
CA GLY A 12 4.13 2.31 2.48
C GLY A 12 3.06 2.94 3.38
N TRP A 13 2.36 3.95 2.85
CA TRP A 13 1.40 4.82 3.53
C TRP A 13 -0.03 4.30 3.29
N GLY A 14 -0.90 5.03 2.55
CA GLY A 14 -2.28 4.62 2.27
C GLY A 14 -2.43 3.89 0.93
N GLN A 15 -1.56 4.20 -0.04
CA GLN A 15 -1.42 3.53 -1.33
C GLN A 15 -1.29 1.99 -1.28
N PRO A 16 -0.57 1.40 -0.32
CA PRO A 16 -0.31 -0.03 -0.32
C PRO A 16 -1.46 -0.85 0.27
N HIS A 17 -2.70 -0.65 -0.20
CA HIS A 17 -3.92 -1.07 0.48
C HIS A 17 -4.17 -0.18 1.71
N GLY A 18 -5.33 0.48 1.68
CA GLY A 18 -5.70 1.57 2.57
C GLY A 18 -7.12 1.44 3.06
N GLY A 19 -7.61 0.21 3.24
CA GLY A 19 -8.98 -0.11 3.62
C GLY A 19 -9.50 -1.20 2.70
N GLY A 20 -9.87 -0.84 1.47
CA GLY A 20 -10.40 -1.80 0.51
C GLY A 20 -11.03 -1.20 -0.74
N TRP A 21 -10.63 0.02 -1.13
CA TRP A 21 -11.46 0.86 -2.00
C TRP A 21 -10.60 1.57 -3.05
N GLY A 22 -10.37 2.88 -2.94
CA GLY A 22 -9.65 3.67 -3.95
C GLY A 22 -8.17 3.88 -3.63
N GLN A 23 -7.70 3.44 -2.47
CA GLN A 23 -6.32 3.47 -2.04
C GLN A 23 -5.48 2.35 -2.66
N PRO A 24 -5.91 1.08 -2.60
CA PRO A 24 -5.24 -0.02 -3.27
C PRO A 24 -5.46 0.14 -4.78
N HIS A 1 0.66 -3.78 -1.53
CA HIS A 1 1.29 -4.92 -0.87
C HIS A 1 1.96 -5.87 -1.87
N GLY A 2 2.60 -6.96 -1.40
CA GLY A 2 3.68 -7.59 -2.14
C GLY A 2 4.77 -8.25 -1.29
N GLY A 3 4.73 -8.21 0.04
CA GLY A 3 5.67 -8.94 0.88
C GLY A 3 5.94 -8.21 2.19
N GLY A 4 6.54 -7.01 2.13
CA GLY A 4 6.95 -6.31 3.34
C GLY A 4 7.88 -5.12 3.11
N TRP A 5 7.90 -4.56 1.90
CA TRP A 5 8.92 -3.59 1.47
C TRP A 5 8.23 -2.39 0.84
N GLY A 6 8.69 -1.91 -0.30
CA GLY A 6 8.16 -0.69 -0.92
C GLY A 6 6.75 -0.86 -1.51
N GLN A 7 6.36 -2.09 -1.86
CA GLN A 7 5.11 -2.48 -2.45
C GLN A 7 3.89 -2.10 -1.60
N PRO A 8 3.85 -2.40 -0.30
CA PRO A 8 2.87 -1.84 0.63
C PRO A 8 3.30 -0.43 1.04
N HIS A 9 2.40 0.57 0.98
CA HIS A 9 2.64 1.95 1.43
C HIS A 9 3.83 2.67 0.78
N GLY A 10 5.07 2.33 1.13
CA GLY A 10 6.30 2.77 0.50
C GLY A 10 6.66 4.25 0.69
N GLY A 11 5.70 5.13 0.95
CA GLY A 11 5.89 6.58 0.95
C GLY A 11 4.60 7.37 0.78
N GLY A 12 3.46 6.74 0.42
CA GLY A 12 2.15 7.41 0.53
C GLY A 12 1.45 7.65 -0.80
N TRP A 13 1.70 6.79 -1.78
CA TRP A 13 1.43 7.03 -3.20
C TRP A 13 0.46 5.96 -3.75
N GLY A 14 0.88 5.07 -4.66
CA GLY A 14 0.04 4.02 -5.27
C GLY A 14 0.23 2.63 -4.67
N GLN A 15 1.21 2.52 -3.76
CA GLN A 15 1.59 1.35 -2.99
C GLN A 15 0.73 1.16 -1.71
N PRO A 16 0.20 2.22 -1.05
CA PRO A 16 -0.97 2.08 -0.19
C PRO A 16 -2.20 2.14 -1.09
N HIS A 17 -3.40 2.36 -0.52
CA HIS A 17 -4.66 2.18 -1.23
C HIS A 17 -4.77 0.73 -1.73
N GLY A 18 -5.85 0.37 -2.45
CA GLY A 18 -6.31 -1.01 -2.54
C GLY A 18 -7.82 -1.22 -2.45
N GLY A 19 -8.65 -0.17 -2.50
CA GLY A 19 -10.10 -0.29 -2.60
C GLY A 19 -10.79 0.76 -1.74
N GLY A 20 -10.70 0.62 -0.41
CA GLY A 20 -11.44 1.52 0.47
C GLY A 20 -11.40 1.14 1.95
N TRP A 21 -10.46 0.28 2.36
CA TRP A 21 -10.48 -0.41 3.66
C TRP A 21 -9.11 -0.27 4.33
N GLY A 22 -8.65 -1.30 5.03
CA GLY A 22 -7.37 -1.31 5.74
C GLY A 22 -6.13 -1.29 4.83
N GLN A 23 -6.28 -1.02 3.53
CA GLN A 23 -5.22 -0.83 2.56
C GLN A 23 -4.91 0.67 2.42
N PRO A 24 -5.89 1.56 2.16
CA PRO A 24 -5.69 3.00 2.32
C PRO A 24 -5.71 3.45 3.78
N HIS A 1 7.51 -4.41 -2.67
CA HIS A 1 6.20 -4.90 -3.08
C HIS A 1 5.73 -6.16 -2.33
N GLY A 2 6.29 -7.33 -2.62
CA GLY A 2 5.82 -8.60 -2.08
C GLY A 2 4.47 -9.00 -2.66
N GLY A 3 3.41 -8.33 -2.19
CA GLY A 3 2.03 -8.65 -2.45
C GLY A 3 1.08 -7.45 -2.30
N GLY A 4 1.58 -6.25 -1.94
CA GLY A 4 0.77 -5.04 -2.11
C GLY A 4 0.28 -4.48 -0.79
N TRP A 5 1.21 -4.30 0.14
CA TRP A 5 0.96 -3.95 1.53
C TRP A 5 1.98 -2.92 2.00
N GLY A 6 2.72 -3.17 3.08
CA GLY A 6 3.68 -2.19 3.64
C GLY A 6 5.04 -2.19 2.94
N GLN A 7 5.39 -3.26 2.21
CA GLN A 7 6.64 -3.43 1.50
C GLN A 7 6.82 -2.51 0.28
N PRO A 8 5.78 -2.18 -0.50
CA PRO A 8 5.87 -1.15 -1.53
C PRO A 8 5.85 0.23 -0.85
N HIS A 9 4.69 0.68 -0.39
CA HIS A 9 4.49 2.00 0.21
C HIS A 9 5.09 3.13 -0.65
N GLY A 10 5.30 4.32 -0.09
CA GLY A 10 5.72 5.48 -0.86
C GLY A 10 5.16 6.81 -0.37
N GLY A 11 4.14 6.81 0.47
CA GLY A 11 3.52 8.05 0.94
C GLY A 11 2.09 7.87 1.47
N GLY A 12 1.39 6.78 1.13
CA GLY A 12 0.11 6.45 1.77
C GLY A 12 -1.06 6.42 0.78
N TRP A 13 -0.78 6.06 -0.46
CA TRP A 13 -1.63 6.28 -1.63
C TRP A 13 -1.83 4.95 -2.37
N GLY A 14 -1.85 4.95 -3.70
CA GLY A 14 -2.06 3.73 -4.49
C GLY A 14 -0.96 2.68 -4.30
N GLN A 15 0.24 3.12 -3.93
CA GLN A 15 1.43 2.28 -3.84
C GLN A 15 1.33 1.26 -2.69
N PRO A 16 1.02 1.65 -1.44
CA PRO A 16 0.82 0.68 -0.36
C PRO A 16 -0.42 -0.18 -0.61
N HIS A 17 -1.59 0.42 -0.90
CA HIS A 17 -2.86 -0.25 -1.14
C HIS A 17 -3.37 -1.10 0.03
N GLY A 18 -2.76 -2.23 0.34
CA GLY A 18 -3.04 -3.07 1.51
C GLY A 18 -4.43 -3.71 1.55
N GLY A 19 -5.33 -3.45 0.59
CA GLY A 19 -6.71 -3.96 0.58
C GLY A 19 -7.78 -2.90 0.38
N GLY A 20 -7.43 -1.59 0.35
CA GLY A 20 -8.30 -0.61 -0.34
C GLY A 20 -8.91 0.45 0.57
N TRP A 21 -8.35 0.66 1.75
CA TRP A 21 -9.02 1.25 2.89
C TRP A 21 -8.18 2.36 3.54
N GLY A 22 -7.48 2.08 4.64
CA GLY A 22 -6.68 3.06 5.36
C GLY A 22 -5.23 3.12 4.91
N GLN A 23 -4.72 2.15 4.14
CA GLN A 23 -3.39 2.22 3.56
C GLN A 23 -3.33 3.20 2.37
N PRO A 24 -4.34 3.22 1.47
CA PRO A 24 -4.35 4.04 0.28
C PRO A 24 -5.09 5.37 0.43
N HIS A 1 1.82 -3.23 5.44
CA HIS A 1 2.68 -4.36 5.18
C HIS A 1 1.95 -5.51 4.49
N GLY A 2 2.67 -6.58 4.17
CA GLY A 2 2.26 -7.56 3.19
C GLY A 2 3.36 -8.59 2.95
N GLY A 3 4.62 -8.15 2.85
CA GLY A 3 5.76 -9.06 2.82
C GLY A 3 7.09 -8.35 2.56
N GLY A 4 7.10 -7.27 1.76
CA GLY A 4 8.30 -6.43 1.62
C GLY A 4 8.47 -5.85 0.23
N TRP A 5 7.41 -5.29 -0.35
CA TRP A 5 7.37 -4.85 -1.73
C TRP A 5 6.67 -3.50 -1.80
N GLY A 6 5.74 -3.32 -2.73
CA GLY A 6 5.20 -2.01 -3.10
C GLY A 6 4.01 -1.63 -2.24
N GLN A 7 3.59 -2.52 -1.34
CA GLN A 7 2.53 -2.42 -0.40
C GLN A 7 2.98 -1.42 0.70
N PRO A 8 3.95 -1.77 1.57
CA PRO A 8 4.33 -0.99 2.74
C PRO A 8 4.87 0.39 2.37
N HIS A 9 3.96 1.36 2.26
CA HIS A 9 4.24 2.73 1.86
C HIS A 9 5.07 2.79 0.57
N GLY A 10 4.36 2.39 -0.48
CA GLY A 10 4.79 2.42 -1.86
C GLY A 10 5.03 3.80 -2.47
N GLY A 11 5.31 4.86 -1.70
CA GLY A 11 5.79 6.13 -2.24
C GLY A 11 5.01 7.38 -1.81
N GLY A 12 3.77 7.25 -1.30
CA GLY A 12 3.13 8.38 -0.60
C GLY A 12 1.62 8.49 -0.76
N TRP A 13 0.95 7.46 -1.27
CA TRP A 13 -0.34 7.64 -1.94
C TRP A 13 -1.28 6.49 -1.58
N GLY A 14 -1.73 5.67 -2.54
CA GLY A 14 -2.70 4.60 -2.29
C GLY A 14 -2.07 3.34 -1.70
N GLN A 15 -0.82 3.06 -2.06
CA GLN A 15 -0.07 1.87 -1.66
C GLN A 15 -0.14 1.63 -0.14
N PRO A 16 0.13 2.66 0.69
CA PRO A 16 -0.13 2.60 2.11
C PRO A 16 -1.65 2.66 2.44
N HIS A 17 -2.49 1.77 1.88
CA HIS A 17 -3.85 1.53 2.35
C HIS A 17 -4.78 2.71 2.13
N GLY A 18 -5.01 2.93 0.85
CA GLY A 18 -5.96 3.87 0.29
C GLY A 18 -7.43 3.54 0.50
N GLY A 19 -7.85 2.87 1.58
CA GLY A 19 -9.25 2.76 1.98
C GLY A 19 -9.79 1.34 2.12
N GLY A 20 -9.12 0.34 1.54
CA GLY A 20 -9.34 -1.07 1.91
C GLY A 20 -9.36 -2.07 0.76
N TRP A 21 -8.98 -1.65 -0.46
CA TRP A 21 -9.44 -2.34 -1.67
C TRP A 21 -8.28 -2.63 -2.62
N GLY A 22 -8.15 -1.91 -3.74
CA GLY A 22 -7.07 -2.15 -4.70
C GLY A 22 -5.80 -1.37 -4.37
N GLN A 23 -5.94 -0.27 -3.63
CA GLN A 23 -4.88 0.66 -3.23
C GLN A 23 -3.84 0.02 -2.32
N PRO A 24 -4.21 -0.77 -1.30
CA PRO A 24 -3.27 -1.50 -0.46
C PRO A 24 -2.50 -2.63 -1.21
N HIS A 1 1.68 -2.87 -3.78
CA HIS A 1 1.48 -4.03 -2.92
C HIS A 1 2.41 -5.21 -3.27
N GLY A 2 2.36 -6.28 -2.48
CA GLY A 2 3.49 -7.21 -2.37
C GLY A 2 3.68 -7.85 -1.01
N GLY A 3 2.73 -7.76 -0.06
CA GLY A 3 2.83 -8.43 1.23
C GLY A 3 2.32 -7.52 2.35
N GLY A 4 3.11 -6.50 2.70
CA GLY A 4 2.78 -5.63 3.82
C GLY A 4 3.91 -4.69 4.24
N TRP A 5 4.91 -4.49 3.38
CA TRP A 5 6.16 -3.78 3.70
C TRP A 5 6.29 -2.59 2.74
N GLY A 6 7.45 -2.38 2.13
CA GLY A 6 7.71 -1.19 1.31
C GLY A 6 7.12 -1.25 -0.11
N GLN A 7 6.58 -2.41 -0.51
CA GLN A 7 5.88 -2.65 -1.75
C GLN A 7 4.55 -1.88 -1.75
N PRO A 8 3.63 -2.13 -0.79
CA PRO A 8 2.55 -1.19 -0.51
C PRO A 8 3.12 0.05 0.21
N HIS A 9 2.30 1.08 0.41
CA HIS A 9 2.67 2.38 0.98
C HIS A 9 3.73 3.12 0.16
N GLY A 10 4.98 2.66 0.16
CA GLY A 10 6.02 3.02 -0.79
C GLY A 10 6.36 4.52 -0.89
N GLY A 11 5.90 5.36 0.03
CA GLY A 11 6.19 6.79 0.05
C GLY A 11 4.94 7.70 0.10
N GLY A 12 3.72 7.16 -0.08
CA GLY A 12 2.50 7.86 0.35
C GLY A 12 1.51 8.17 -0.78
N TRP A 13 1.67 7.55 -1.94
CA TRP A 13 1.06 7.98 -3.20
C TRP A 13 0.18 6.90 -3.81
N GLY A 14 0.68 6.11 -4.77
CA GLY A 14 -0.07 5.06 -5.47
C GLY A 14 0.33 3.63 -5.08
N GLN A 15 1.31 3.47 -4.19
CA GLN A 15 1.67 2.23 -3.52
C GLN A 15 0.80 1.96 -2.28
N PRO A 16 0.37 2.96 -1.48
CA PRO A 16 -0.71 2.78 -0.52
C PRO A 16 -2.04 2.70 -1.27
N HIS A 17 -3.14 2.48 -0.54
CA HIS A 17 -4.43 2.12 -1.11
C HIS A 17 -4.34 0.76 -1.83
N GLY A 18 -5.48 0.28 -2.35
CA GLY A 18 -5.68 -1.14 -2.63
C GLY A 18 -7.11 -1.64 -2.39
N GLY A 19 -8.08 -0.79 -2.05
CA GLY A 19 -9.49 -1.18 -1.93
C GLY A 19 -10.16 -0.45 -0.77
N GLY A 20 -9.81 -0.79 0.47
CA GLY A 20 -10.54 -0.24 1.62
C GLY A 20 -10.16 -0.86 2.97
N TRP A 21 -8.98 -1.49 3.07
CA TRP A 21 -8.59 -2.32 4.20
C TRP A 21 -7.19 -1.92 4.64
N GLY A 22 -6.33 -2.87 4.97
CA GLY A 22 -4.97 -2.61 5.46
C GLY A 22 -4.01 -2.05 4.40
N GLN A 23 -4.47 -1.85 3.16
CA GLN A 23 -3.74 -1.33 2.04
C GLN A 23 -3.71 0.21 2.07
N PRO A 24 -4.85 0.92 2.13
CA PRO A 24 -4.85 2.34 2.47
C PRO A 24 -4.41 2.54 3.92
N HIS A 1 1.14 -2.98 -2.92
CA HIS A 1 1.04 -4.13 -2.02
C HIS A 1 1.86 -5.35 -2.52
N GLY A 2 1.92 -6.41 -1.71
CA GLY A 2 2.99 -7.40 -1.80
C GLY A 2 3.41 -8.04 -0.49
N GLY A 3 2.63 -7.97 0.59
CA GLY A 3 2.90 -8.70 1.83
C GLY A 3 2.60 -7.86 3.07
N GLY A 4 3.17 -6.65 3.14
CA GLY A 4 3.01 -5.77 4.31
C GLY A 4 4.22 -4.88 4.60
N TRP A 5 5.17 -4.76 3.67
CA TRP A 5 6.44 -4.08 3.86
C TRP A 5 6.53 -2.90 2.88
N GLY A 6 7.63 -2.75 2.13
CA GLY A 6 7.83 -1.58 1.25
C GLY A 6 7.13 -1.68 -0.11
N GLN A 7 6.48 -2.81 -0.41
CA GLN A 7 5.66 -3.04 -1.57
C GLN A 7 4.35 -2.25 -1.48
N PRO A 8 3.56 -2.40 -0.40
CA PRO A 8 2.57 -1.38 -0.05
C PRO A 8 3.32 -0.12 0.43
N HIS A 9 2.60 0.99 0.53
CA HIS A 9 3.05 2.25 1.12
C HIS A 9 4.45 2.70 0.68
N GLY A 10 4.47 3.05 -0.59
CA GLY A 10 5.60 3.61 -1.31
C GLY A 10 5.71 5.13 -1.23
N GLY A 11 5.11 5.81 -0.25
CA GLY A 11 5.26 7.26 -0.06
C GLY A 11 3.93 7.94 0.26
N GLY A 12 3.04 8.07 -0.71
CA GLY A 12 1.80 8.83 -0.48
C GLY A 12 0.80 8.81 -1.64
N TRP A 13 0.97 7.89 -2.60
CA TRP A 13 0.26 7.88 -3.87
C TRP A 13 -0.39 6.52 -4.04
N GLY A 14 -0.39 5.97 -5.26
CA GLY A 14 -1.07 4.72 -5.58
C GLY A 14 -0.40 3.47 -5.00
N GLN A 15 0.70 3.59 -4.24
CA GLN A 15 1.45 2.52 -3.64
C GLN A 15 0.83 2.11 -2.29
N PRO A 16 0.58 3.04 -1.37
CA PRO A 16 -0.40 2.83 -0.31
C PRO A 16 -1.82 2.80 -0.91
N HIS A 17 -2.80 2.52 -0.06
CA HIS A 17 -4.22 2.51 -0.40
C HIS A 17 -4.52 1.47 -1.50
N GLY A 18 -5.54 1.68 -2.33
CA GLY A 18 -6.01 0.69 -3.31
C GLY A 18 -7.51 0.54 -3.27
N GLY A 19 -8.07 0.45 -2.06
CA GLY A 19 -9.49 0.21 -1.86
C GLY A 19 -9.93 0.26 -0.41
N GLY A 20 -9.02 0.36 0.57
CA GLY A 20 -9.43 0.62 1.96
C GLY A 20 -9.21 -0.58 2.88
N TRP A 21 -8.36 -1.50 2.46
CA TRP A 21 -8.21 -2.86 2.99
C TRP A 21 -6.82 -2.97 3.64
N GLY A 22 -6.09 -4.06 3.43
CA GLY A 22 -4.79 -4.29 4.07
C GLY A 22 -3.62 -3.49 3.48
N GLN A 23 -3.88 -2.64 2.48
CA GLN A 23 -2.90 -1.91 1.69
C GLN A 23 -2.69 -0.46 2.14
N PRO A 24 -3.74 0.30 2.54
CA PRO A 24 -3.54 1.50 3.34
C PRO A 24 -2.95 1.15 4.72
N HIS A 1 0.66 -3.74 -2.54
CA HIS A 1 0.72 -4.81 -1.53
C HIS A 1 1.89 -5.78 -1.77
N GLY A 2 1.91 -6.50 -2.89
CA GLY A 2 2.94 -7.46 -3.24
C GLY A 2 2.92 -8.71 -2.34
N GLY A 3 3.22 -8.53 -1.05
CA GLY A 3 3.33 -9.56 -0.03
C GLY A 3 3.39 -9.01 1.40
N GLY A 4 3.21 -7.71 1.63
CA GLY A 4 3.02 -7.17 2.99
C GLY A 4 4.27 -6.49 3.56
N TRP A 5 5.02 -5.80 2.71
CA TRP A 5 6.37 -5.33 2.96
C TRP A 5 6.51 -3.87 2.49
N GLY A 6 7.59 -3.49 1.82
CA GLY A 6 7.88 -2.11 1.42
C GLY A 6 7.20 -1.64 0.13
N GLN A 7 6.24 -2.40 -0.37
CA GLN A 7 5.39 -2.10 -1.52
C GLN A 7 4.14 -1.31 -1.08
N PRO A 8 3.37 -1.78 -0.09
CA PRO A 8 2.19 -1.10 0.44
C PRO A 8 2.62 0.08 1.29
N HIS A 9 2.12 1.26 0.94
CA HIS A 9 2.64 2.56 1.35
C HIS A 9 4.09 2.77 0.86
N GLY A 10 4.57 4.01 0.91
CA GLY A 10 5.66 4.44 0.04
C GLY A 10 5.70 5.93 -0.24
N GLY A 11 5.01 6.77 0.54
CA GLY A 11 5.01 8.23 0.36
C GLY A 11 3.61 8.77 0.61
N GLY A 12 2.65 8.46 -0.26
CA GLY A 12 1.28 8.96 -0.10
C GLY A 12 0.42 8.86 -1.36
N TRP A 13 0.76 7.96 -2.29
CA TRP A 13 0.28 8.00 -3.67
C TRP A 13 -0.31 6.64 -4.08
N GLY A 14 0.31 5.91 -5.02
CA GLY A 14 -0.18 4.61 -5.51
C GLY A 14 0.55 3.39 -4.95
N GLN A 15 1.58 3.62 -4.13
CA GLN A 15 2.20 2.62 -3.27
C GLN A 15 1.23 2.26 -2.14
N PRO A 16 0.65 3.23 -1.39
CA PRO A 16 -0.52 2.94 -0.57
C PRO A 16 -1.74 2.70 -1.46
N HIS A 17 -2.85 2.34 -0.83
CA HIS A 17 -4.00 1.68 -1.43
C HIS A 17 -3.64 0.27 -1.92
N GLY A 18 -4.67 -0.51 -2.30
CA GLY A 18 -4.62 -1.96 -2.11
C GLY A 18 -5.94 -2.62 -1.75
N GLY A 19 -7.09 -1.98 -1.97
CA GLY A 19 -8.40 -2.59 -1.82
C GLY A 19 -9.38 -1.67 -1.10
N GLY A 20 -9.00 -1.14 0.06
CA GLY A 20 -9.89 -0.22 0.79
C GLY A 20 -9.66 -0.11 2.30
N TRP A 21 -8.60 -0.71 2.82
CA TRP A 21 -8.49 -1.07 4.25
C TRP A 21 -7.15 -0.61 4.81
N GLY A 22 -6.29 -1.52 5.27
CA GLY A 22 -4.99 -1.15 5.85
C GLY A 22 -4.05 -0.56 4.82
N GLN A 23 -4.09 -1.06 3.57
CA GLN A 23 -3.20 -0.64 2.51
C GLN A 23 -3.36 0.86 2.18
N PRO A 24 -4.59 1.39 2.03
CA PRO A 24 -4.77 2.83 1.90
C PRO A 24 -4.57 3.57 3.23
#